data_2DDX
#
_entry.id   2DDX
#
_cell.length_a   51.873
_cell.length_b   75.654
_cell.length_c   82.119
_cell.angle_alpha   90.00
_cell.angle_beta   90.00
_cell.angle_gamma   90.00
#
_symmetry.space_group_name_H-M   'P 21 21 21'
#
loop_
_entity.id
_entity.type
_entity.pdbx_description
1 polymer beta-1,3-xylanase
2 non-polymer 'MAGNESIUM ION'
3 non-polymer GLYCEROL
4 water water
#
_entity_poly.entity_id   1
_entity_poly.type   'polypeptide(L)'
_entity_poly.pdbx_seq_one_letter_code
;LDGVLVPESGILVSVGQDVDSVNDYASALGTIPAGVTNYVGIVNLDGLNSDADAGAGRNNIAELANAYPTSALVVGVSMN
GEVDAVASGRYNANIDTLLNTLAGYDRPVYLRWAYEVDGPWNGHSPSGIVTSFQYVHDRIIALGHQAKISLVWQVASYCP
TPGGQLDQWWPGSEYVDWVGLSYFAPQDCNWDRVNEAAQFARSKGKPLFLNESTPQRYQVADLTYSADPAKGTNRQSKTS
QQLWDEWFAPYFQFMSDNSDIVKGFTYINADWDSQWRWAAPYNEGYWGDSRVQANALIKSNWQQEIAKGQYINHSETLFE
TLGYGSTHHHHHH
;
_entity_poly.pdbx_strand_id   A
#
# COMPACT_ATOMS: atom_id res chain seq x y z
N LEU A 1 4.01 -16.55 -3.79
CA LEU A 1 5.49 -16.46 -3.94
C LEU A 1 5.92 -16.92 -5.33
N ASP A 2 7.01 -16.34 -5.80
CA ASP A 2 7.61 -16.68 -7.09
C ASP A 2 6.68 -16.46 -8.30
N GLY A 3 5.80 -15.46 -8.15
CA GLY A 3 4.96 -14.98 -9.24
C GLY A 3 3.57 -15.58 -9.37
N VAL A 4 3.26 -16.59 -8.57
CA VAL A 4 1.99 -17.32 -8.75
C VAL A 4 0.75 -16.49 -8.41
N LEU A 5 0.91 -15.45 -7.59
CA LEU A 5 -0.21 -14.57 -7.21
C LEU A 5 -0.18 -13.20 -7.92
N VAL A 6 0.56 -13.12 -9.02
CA VAL A 6 0.53 -11.94 -9.87
C VAL A 6 -0.46 -12.21 -10.99
N PRO A 7 -1.50 -11.36 -11.14
CA PRO A 7 -2.45 -11.66 -12.21
C PRO A 7 -1.80 -11.56 -13.59
N GLU A 8 -2.24 -12.40 -14.51
CA GLU A 8 -1.71 -12.42 -15.87
C GLU A 8 -2.00 -11.09 -16.57
N SER A 9 -3.20 -10.57 -16.34
CA SER A 9 -3.58 -9.27 -16.86
C SER A 9 -4.54 -8.62 -15.88
N GLY A 10 -4.57 -7.31 -15.90
CA GLY A 10 -5.46 -6.56 -15.04
C GLY A 10 -4.78 -5.98 -13.82
N ILE A 11 -5.46 -5.02 -13.21
CA ILE A 11 -4.92 -4.25 -12.10
C ILE A 11 -5.82 -4.47 -10.88
N LEU A 12 -5.28 -5.13 -9.85
CA LEU A 12 -6.03 -5.36 -8.61
C LEU A 12 -6.39 -4.03 -7.95
N VAL A 13 -7.69 -3.84 -7.69
CA VAL A 13 -8.19 -2.67 -6.98
C VAL A 13 -8.31 -3.01 -5.50
N SER A 14 -7.46 -2.40 -4.67
CA SER A 14 -7.57 -2.60 -3.24
C SER A 14 -7.68 -1.25 -2.52
N VAL A 15 -8.19 -1.30 -1.30
CA VAL A 15 -8.43 -0.11 -0.51
C VAL A 15 -7.78 -0.29 0.85
N GLY A 16 -7.40 0.83 1.45
CA GLY A 16 -6.77 0.84 2.76
C GLY A 16 -7.08 2.12 3.52
N GLN A 17 -6.49 2.28 4.72
CA GLN A 17 -5.52 1.33 5.27
C GLN A 17 -5.70 1.15 6.77
N ASP A 18 -6.96 1.21 7.20
CA ASP A 18 -7.35 0.84 8.56
C ASP A 18 -8.75 0.24 8.46
N VAL A 19 -9.15 -0.54 9.46
CA VAL A 19 -10.39 -1.31 9.34
C VAL A 19 -11.60 -0.39 9.15
N ASP A 20 -11.65 0.69 9.93
CA ASP A 20 -12.84 1.54 9.94
C ASP A 20 -13.00 2.32 8.63
N SER A 21 -11.89 2.86 8.12
CA SER A 21 -11.94 3.58 6.85
C SER A 21 -12.34 2.66 5.70
N VAL A 22 -11.83 1.43 5.72
CA VAL A 22 -12.18 0.44 4.70
C VAL A 22 -13.67 0.11 4.78
N ASN A 23 -14.17 -0.14 5.99
CA ASN A 23 -15.61 -0.38 6.17
C ASN A 23 -16.45 0.79 5.68
N ASP A 24 -16.02 2.02 5.97
CA ASP A 24 -16.76 3.20 5.54
C ASP A 24 -16.81 3.30 4.01
N TYR A 25 -15.69 3.01 3.36
CA TYR A 25 -15.64 2.98 1.89
C TYR A 25 -16.60 1.94 1.32
N ALA A 26 -16.53 0.72 1.86
CA ALA A 26 -17.35 -0.38 1.36
C ALA A 26 -18.84 -0.03 1.48
N SER A 27 -19.21 0.53 2.62
CA SER A 27 -20.61 0.91 2.86
C SER A 27 -21.05 2.08 1.97
N ALA A 28 -20.22 3.12 1.89
CA ALA A 28 -20.57 4.32 1.13
C ALA A 28 -20.67 4.05 -0.36
N LEU A 29 -19.79 3.19 -0.88
CA LEU A 29 -19.78 2.87 -2.31
C LEU A 29 -20.62 1.64 -2.64
N GLY A 30 -21.16 0.97 -1.62
CA GLY A 30 -22.00 -0.20 -1.83
C GLY A 30 -21.28 -1.29 -2.58
N THR A 31 -20.06 -1.58 -2.14
CA THR A 31 -19.19 -2.50 -2.85
C THR A 31 -18.36 -3.33 -1.88
N ILE A 32 -17.98 -4.53 -2.31
CA ILE A 32 -16.99 -5.32 -1.60
C ILE A 32 -15.66 -5.08 -2.29
N PRO A 33 -14.67 -4.46 -1.61
CA PRO A 33 -13.39 -4.25 -2.28
C PRO A 33 -12.70 -5.57 -2.63
N ALA A 34 -12.00 -5.61 -3.76
CA ALA A 34 -11.29 -6.81 -4.16
C ALA A 34 -10.11 -7.13 -3.23
N GLY A 35 -9.51 -6.08 -2.65
CA GLY A 35 -8.44 -6.24 -1.68
C GLY A 35 -8.61 -5.22 -0.58
N VAL A 36 -8.17 -5.59 0.62
CA VAL A 36 -8.26 -4.74 1.80
C VAL A 36 -6.92 -4.77 2.53
N THR A 37 -6.56 -3.64 3.13
CA THR A 37 -5.19 -3.40 3.58
C THR A 37 -5.12 -2.95 5.04
N ASN A 38 -4.22 -3.56 5.80
CA ASN A 38 -3.91 -3.16 7.17
C ASN A 38 -2.38 -3.33 7.39
N TYR A 39 -1.93 -2.93 8.58
CA TYR A 39 -0.54 -2.99 8.98
C TYR A 39 -0.35 -3.81 10.25
N VAL A 40 0.83 -4.43 10.34
CA VAL A 40 1.30 -5.13 11.53
C VAL A 40 2.75 -4.73 11.75
N GLY A 41 3.15 -4.60 13.02
CA GLY A 41 4.57 -4.40 13.33
C GLY A 41 5.19 -5.72 13.73
N ILE A 42 6.41 -5.98 13.27
CA ILE A 42 7.01 -7.30 13.51
C ILE A 42 7.45 -7.48 14.97
N VAL A 43 7.75 -6.39 15.67
CA VAL A 43 8.29 -6.50 17.02
C VAL A 43 7.25 -7.03 18.02
N ASN A 44 6.03 -6.49 17.94
CA ASN A 44 4.94 -6.89 18.84
C ASN A 44 3.83 -7.67 18.16
N LEU A 45 3.89 -7.83 16.83
CA LEU A 45 2.74 -8.30 16.04
C LEU A 45 1.47 -7.51 16.37
N ASP A 46 1.66 -6.22 16.63
CA ASP A 46 0.55 -5.32 16.91
C ASP A 46 -0.34 -5.21 15.67
N GLY A 47 -1.63 -5.45 15.88
CA GLY A 47 -2.61 -5.37 14.81
C GLY A 47 -2.92 -6.69 14.15
N LEU A 48 -2.23 -7.77 14.54
CA LEU A 48 -2.46 -9.06 13.87
C LEU A 48 -3.76 -9.71 14.36
N ASN A 49 -3.87 -9.97 15.65
CA ASN A 49 -5.03 -10.68 16.20
C ASN A 49 -5.94 -9.84 17.09
N SER A 50 -5.59 -8.58 17.29
CA SER A 50 -6.36 -7.67 18.12
C SER A 50 -6.03 -6.24 17.71
N ASP A 51 -6.80 -5.30 18.23
CA ASP A 51 -6.68 -3.90 17.83
C ASP A 51 -5.30 -3.32 18.11
N ALA A 52 -4.80 -2.56 17.13
CA ALA A 52 -3.67 -1.68 17.32
C ALA A 52 -4.07 -0.34 16.73
N ASP A 53 -3.89 0.73 17.50
CA ASP A 53 -4.22 2.07 17.03
C ASP A 53 -3.12 2.99 17.53
N ALA A 54 -2.26 3.40 16.62
CA ALA A 54 -1.18 4.32 16.90
C ALA A 54 -1.42 5.65 16.17
N GLY A 55 -2.69 6.03 16.04
CA GLY A 55 -3.05 7.33 15.49
C GLY A 55 -3.16 7.42 13.99
N ALA A 56 -3.00 6.29 13.30
CA ALA A 56 -3.08 6.24 11.85
C ALA A 56 -4.21 5.29 11.42
N GLY A 57 -5.21 5.18 12.29
CA GLY A 57 -6.32 4.26 12.07
C GLY A 57 -6.13 2.93 12.78
N ARG A 58 -7.26 2.31 13.10
CA ARG A 58 -7.26 1.03 13.81
C ARG A 58 -6.93 -0.13 12.87
N ASN A 59 -5.95 -0.94 13.28
CA ASN A 59 -5.57 -2.15 12.56
C ASN A 59 -5.96 -3.37 13.36
N ASN A 60 -6.54 -4.35 12.67
CA ASN A 60 -6.92 -5.61 13.28
C ASN A 60 -7.13 -6.60 12.13
N ILE A 61 -6.09 -7.34 11.80
CA ILE A 61 -6.09 -8.20 10.63
C ILE A 61 -7.12 -9.34 10.80
N ALA A 62 -7.26 -9.86 12.01
CA ALA A 62 -8.27 -10.89 12.25
C ALA A 62 -9.67 -10.38 11.94
N GLU A 63 -9.99 -9.18 12.42
CA GLU A 63 -11.30 -8.60 12.17
C GLU A 63 -11.48 -8.31 10.68
N LEU A 64 -10.45 -7.74 10.06
CA LEU A 64 -10.51 -7.40 8.64
C LEU A 64 -10.71 -8.64 7.78
N ALA A 65 -9.95 -9.69 8.07
CA ALA A 65 -10.03 -10.93 7.31
C ALA A 65 -11.42 -11.55 7.43
N ASN A 66 -11.99 -11.52 8.63
CA ASN A 66 -13.34 -12.05 8.84
C ASN A 66 -14.42 -11.21 8.14
N ALA A 67 -14.21 -9.90 8.08
CA ALA A 67 -15.16 -8.99 7.44
C ALA A 67 -15.14 -9.08 5.92
N TYR A 68 -14.00 -9.45 5.35
CA TYR A 68 -13.80 -9.53 3.90
C TYR A 68 -13.24 -10.89 3.51
N PRO A 69 -14.02 -11.96 3.73
CA PRO A 69 -13.49 -13.32 3.59
C PRO A 69 -13.15 -13.73 2.16
N THR A 70 -13.71 -13.05 1.16
CA THR A 70 -13.46 -13.40 -0.23
C THR A 70 -12.74 -12.26 -0.97
N SER A 71 -11.97 -11.48 -0.22
CA SER A 71 -11.11 -10.43 -0.76
C SER A 71 -9.66 -10.78 -0.48
N ALA A 72 -8.76 -10.29 -1.35
CA ALA A 72 -7.34 -10.39 -1.09
C ALA A 72 -6.99 -9.57 0.14
N LEU A 73 -5.96 -10.01 0.85
CA LEU A 73 -5.48 -9.34 2.04
C LEU A 73 -4.11 -8.74 1.73
N VAL A 74 -3.95 -7.45 1.99
CA VAL A 74 -2.69 -6.75 1.76
C VAL A 74 -2.21 -6.28 3.13
N VAL A 75 -0.97 -6.63 3.48
CA VAL A 75 -0.47 -6.37 4.82
C VAL A 75 0.90 -5.70 4.74
N GLY A 76 1.00 -4.50 5.30
CA GLY A 76 2.29 -3.84 5.47
C GLY A 76 2.91 -4.27 6.79
N VAL A 77 4.19 -4.64 6.75
CA VAL A 77 4.90 -5.08 7.95
C VAL A 77 6.03 -4.11 8.26
N SER A 78 5.89 -3.36 9.35
CA SER A 78 6.95 -2.48 9.81
C SER A 78 8.00 -3.26 10.59
N MET A 79 9.26 -2.85 10.44
CA MET A 79 10.33 -3.37 11.27
C MET A 79 10.42 -2.65 12.62
N ASN A 80 9.61 -1.59 12.82
CA ASN A 80 9.62 -0.86 14.09
C ASN A 80 11.02 -0.42 14.52
N GLY A 81 11.84 -0.03 13.54
CA GLY A 81 13.19 0.46 13.80
C GLY A 81 14.21 -0.62 14.11
N GLU A 82 13.84 -1.89 13.94
CA GLU A 82 14.67 -2.99 14.40
C GLU A 82 15.07 -3.95 13.28
N VAL A 83 15.22 -3.48 12.04
CA VAL A 83 15.51 -4.43 10.96
C VAL A 83 16.82 -5.20 11.18
N ASP A 84 17.82 -4.61 11.81
CA ASP A 84 19.05 -5.35 12.03
C ASP A 84 18.83 -6.49 13.02
N ALA A 85 18.08 -6.25 14.10
CA ALA A 85 17.75 -7.32 15.03
C ALA A 85 16.86 -8.38 14.36
N VAL A 86 15.98 -7.95 13.46
CA VAL A 86 15.17 -8.88 12.69
C VAL A 86 16.06 -9.76 11.81
N ALA A 87 17.01 -9.13 11.09
CA ALA A 87 17.94 -9.89 10.25
C ALA A 87 18.81 -10.85 11.07
N SER A 88 19.08 -10.49 12.32
CA SER A 88 19.88 -11.31 13.24
C SER A 88 19.09 -12.46 13.88
N GLY A 89 17.78 -12.48 13.68
CA GLY A 89 16.95 -13.62 14.10
C GLY A 89 16.19 -13.45 15.39
N ARG A 90 16.21 -12.26 15.98
CA ARG A 90 15.59 -12.02 17.29
C ARG A 90 14.06 -12.02 17.26
N TYR A 91 13.49 -12.00 16.05
CA TYR A 91 12.04 -11.99 15.86
C TYR A 91 11.59 -13.17 15.00
N ASN A 92 12.38 -14.24 14.95
CA ASN A 92 12.04 -15.34 14.05
C ASN A 92 10.75 -16.06 14.43
N ALA A 93 10.47 -16.21 15.72
CA ALA A 93 9.20 -16.82 16.12
C ALA A 93 8.03 -15.95 15.69
N ASN A 94 8.17 -14.62 15.83
CA ASN A 94 7.14 -13.70 15.38
C ASN A 94 6.91 -13.81 13.87
N ILE A 95 8.00 -13.93 13.10
CA ILE A 95 7.87 -14.08 11.65
C ILE A 95 7.08 -15.35 11.31
N ASP A 96 7.40 -16.45 11.97
CA ASP A 96 6.67 -17.69 11.72
C ASP A 96 5.19 -17.53 12.06
N THR A 97 4.89 -16.91 13.20
CA THR A 97 3.50 -16.71 13.58
C THR A 97 2.77 -15.82 12.57
N LEU A 98 3.43 -14.77 12.13
CA LEU A 98 2.84 -13.90 11.11
C LEU A 98 2.51 -14.69 9.84
N LEU A 99 3.50 -15.42 9.32
CA LEU A 99 3.32 -16.15 8.06
C LEU A 99 2.27 -17.26 8.20
N ASN A 100 2.35 -18.02 9.29
CA ASN A 100 1.38 -19.09 9.53
C ASN A 100 -0.04 -18.54 9.69
N THR A 101 -0.17 -17.42 10.39
CA THR A 101 -1.48 -16.81 10.59
C THR A 101 -2.07 -16.33 9.28
N LEU A 102 -1.27 -15.64 8.47
CA LEU A 102 -1.75 -15.14 7.19
C LEU A 102 -2.12 -16.29 6.25
N ALA A 103 -1.31 -17.35 6.25
CA ALA A 103 -1.61 -18.52 5.42
C ALA A 103 -2.90 -19.21 5.86
N GLY A 104 -3.22 -19.13 7.15
CA GLY A 104 -4.44 -19.73 7.69
C GLY A 104 -5.71 -19.12 7.16
N TYR A 105 -5.62 -17.92 6.56
CA TYR A 105 -6.78 -17.27 5.96
C TYR A 105 -7.13 -17.78 4.57
N ASP A 106 -6.31 -18.68 4.01
CA ASP A 106 -6.65 -19.39 2.77
C ASP A 106 -7.10 -18.44 1.66
N ARG A 107 -6.27 -17.45 1.37
CA ARG A 107 -6.58 -16.46 0.34
C ARG A 107 -5.29 -15.78 -0.12
N PRO A 108 -5.33 -15.07 -1.25
CA PRO A 108 -4.15 -14.31 -1.64
C PRO A 108 -3.76 -13.26 -0.62
N VAL A 109 -2.49 -13.28 -0.21
CA VAL A 109 -1.93 -12.32 0.72
C VAL A 109 -0.73 -11.64 0.07
N TYR A 110 -0.75 -10.30 0.05
CA TYR A 110 0.33 -9.50 -0.50
C TYR A 110 1.05 -8.84 0.68
N LEU A 111 2.28 -9.28 0.93
CA LEU A 111 3.01 -8.94 2.14
C LEU A 111 4.09 -7.91 1.83
N ARG A 112 3.89 -6.67 2.30
CA ARG A 112 4.85 -5.59 2.07
C ARG A 112 5.84 -5.58 3.24
N TRP A 113 6.86 -6.42 3.11
CA TRP A 113 7.85 -6.60 4.17
C TRP A 113 8.74 -5.36 4.30
N ALA A 114 8.83 -4.80 5.51
CA ALA A 114 9.68 -3.63 5.75
C ALA A 114 9.37 -2.50 4.77
N TYR A 115 8.07 -2.25 4.61
CA TYR A 115 7.57 -1.37 3.56
C TYR A 115 8.19 0.03 3.67
N GLU A 116 8.34 0.66 2.49
CA GLU A 116 9.15 1.86 2.32
C GLU A 116 10.60 1.56 2.73
N VAL A 117 11.18 0.63 1.98
CA VAL A 117 12.47 0.06 2.34
C VAL A 117 13.57 1.11 2.40
N ASP A 118 13.44 2.13 1.55
CA ASP A 118 14.43 3.19 1.41
C ASP A 118 13.98 4.52 2.03
N GLY A 119 12.96 4.50 2.88
CA GLY A 119 12.58 5.68 3.64
C GLY A 119 13.55 5.82 4.80
N PRO A 120 14.41 6.86 4.82
CA PRO A 120 15.43 6.89 5.89
C PRO A 120 14.85 6.85 7.31
N TRP A 121 13.66 7.41 7.49
CA TRP A 121 13.00 7.44 8.79
C TRP A 121 12.75 6.05 9.36
N ASN A 122 12.73 5.02 8.51
CA ASN A 122 12.55 3.65 8.99
C ASN A 122 13.79 3.05 9.65
N GLY A 123 14.92 3.72 9.54
CA GLY A 123 16.13 3.29 10.23
C GLY A 123 16.71 1.99 9.69
N HIS A 124 16.42 1.67 8.44
CA HIS A 124 16.89 0.43 7.86
C HIS A 124 18.36 0.52 7.49
N SER A 125 19.05 -0.62 7.54
CA SER A 125 20.33 -0.76 6.86
C SER A 125 20.09 -1.53 5.56
N PRO A 126 20.85 -1.22 4.50
CA PRO A 126 20.74 -2.05 3.29
C PRO A 126 20.95 -3.54 3.57
N SER A 127 21.93 -3.89 4.38
CA SER A 127 22.19 -5.30 4.68
C SER A 127 21.00 -5.96 5.39
N GLY A 128 20.40 -5.24 6.33
CA GLY A 128 19.26 -5.80 7.06
C GLY A 128 18.07 -6.03 6.16
N ILE A 129 17.84 -5.11 5.22
CA ILE A 129 16.76 -5.26 4.25
C ILE A 129 17.03 -6.44 3.31
N VAL A 130 18.22 -6.50 2.72
CA VAL A 130 18.52 -7.57 1.78
C VAL A 130 18.45 -8.94 2.47
N THR A 131 19.05 -9.04 3.65
CA THR A 131 19.08 -10.29 4.39
C THR A 131 17.68 -10.72 4.80
N SER A 132 16.89 -9.79 5.34
CA SER A 132 15.58 -10.18 5.82
C SER A 132 14.61 -10.52 4.69
N PHE A 133 14.72 -9.89 3.51
CA PHE A 133 13.91 -10.31 2.37
C PHE A 133 14.23 -11.74 1.95
N GLN A 134 15.52 -12.06 1.88
CA GLN A 134 15.96 -13.43 1.56
C GLN A 134 15.38 -14.41 2.59
N TYR A 135 15.52 -14.05 3.87
CA TYR A 135 15.05 -14.90 4.95
C TYR A 135 13.55 -15.17 4.83
N VAL A 136 12.76 -14.10 4.67
CA VAL A 136 11.30 -14.25 4.63
C VAL A 136 10.86 -15.03 3.39
N HIS A 137 11.43 -14.74 2.24
CA HIS A 137 11.13 -15.51 1.03
C HIS A 137 11.35 -17.00 1.28
N ASP A 138 12.52 -17.34 1.80
CA ASP A 138 12.88 -18.73 2.00
C ASP A 138 12.04 -19.37 3.10
N ARG A 139 11.67 -18.59 4.12
CA ARG A 139 10.86 -19.12 5.21
C ARG A 139 9.43 -19.42 4.77
N ILE A 140 8.89 -18.60 3.86
CA ILE A 140 7.58 -18.87 3.29
C ILE A 140 7.57 -20.27 2.63
N ILE A 141 8.63 -20.58 1.89
CA ILE A 141 8.75 -21.91 1.27
C ILE A 141 8.91 -22.99 2.34
N ALA A 142 9.76 -22.75 3.33
CA ALA A 142 9.99 -23.75 4.38
C ALA A 142 8.72 -24.09 5.15
N LEU A 143 7.84 -23.11 5.32
CA LEU A 143 6.57 -23.30 6.02
C LEU A 143 5.45 -23.81 5.12
N GLY A 144 5.71 -23.85 3.80
CA GLY A 144 4.76 -24.40 2.84
C GLY A 144 3.68 -23.43 2.37
N HIS A 145 3.94 -22.14 2.46
CA HIS A 145 2.93 -21.12 2.17
C HIS A 145 3.16 -20.36 0.86
N GLN A 146 3.99 -20.91 -0.01
CA GLN A 146 4.36 -20.21 -1.25
C GLN A 146 3.19 -19.99 -2.22
N ALA A 147 2.13 -20.78 -2.12
CA ALA A 147 0.96 -20.58 -2.97
C ALA A 147 0.04 -19.46 -2.47
N LYS A 148 0.29 -18.97 -1.25
CA LYS A 148 -0.63 -18.06 -0.57
C LYS A 148 -0.08 -16.66 -0.31
N ILE A 149 1.24 -16.52 -0.19
CA ILE A 149 1.85 -15.26 0.23
C ILE A 149 2.79 -14.77 -0.87
N SER A 150 2.57 -13.52 -1.30
CA SER A 150 3.32 -12.87 -2.35
C SER A 150 4.13 -11.74 -1.71
N LEU A 151 5.43 -11.68 -1.98
CA LEU A 151 6.33 -10.79 -1.27
C LEU A 151 6.58 -9.50 -2.06
N VAL A 152 6.20 -8.37 -1.46
CA VAL A 152 6.30 -7.07 -2.09
C VAL A 152 7.46 -6.27 -1.47
N TRP A 153 8.33 -5.75 -2.34
CA TRP A 153 9.43 -4.87 -1.95
C TRP A 153 9.00 -3.45 -2.33
N GLN A 154 8.52 -2.70 -1.33
CA GLN A 154 7.90 -1.40 -1.58
C GLN A 154 8.87 -0.29 -1.22
N VAL A 155 9.18 0.56 -2.19
CA VAL A 155 9.98 1.76 -1.95
C VAL A 155 9.07 2.93 -1.57
N ALA A 156 9.68 3.99 -1.05
CA ALA A 156 8.93 5.16 -0.59
C ALA A 156 8.63 6.16 -1.71
N SER A 157 9.40 6.11 -2.79
CA SER A 157 9.27 7.04 -3.93
C SER A 157 8.84 8.44 -3.48
N TYR A 158 9.72 9.04 -2.68
CA TYR A 158 9.47 10.27 -1.94
C TYR A 158 10.46 11.33 -2.43
N CYS A 159 9.93 12.45 -2.95
CA CYS A 159 10.77 13.44 -3.65
C CYS A 159 11.97 13.94 -2.82
N PRO A 160 11.78 14.23 -1.52
CA PRO A 160 12.95 14.69 -0.75
C PRO A 160 14.13 13.73 -0.62
N THR A 161 13.93 12.44 -0.88
CA THR A 161 15.04 11.49 -0.87
C THR A 161 15.66 11.47 -2.27
N PRO A 162 16.95 11.76 -2.41
CA PRO A 162 17.53 11.78 -3.76
C PRO A 162 17.33 10.50 -4.55
N GLY A 163 17.18 10.65 -5.86
CA GLY A 163 17.08 9.53 -6.76
C GLY A 163 18.41 8.82 -6.98
N GLY A 164 18.34 7.68 -7.64
CA GLY A 164 19.52 6.94 -8.07
C GLY A 164 20.12 6.01 -7.03
N GLN A 165 19.40 5.78 -5.94
CA GLN A 165 19.93 5.06 -4.77
C GLN A 165 19.20 3.74 -4.49
N LEU A 166 18.49 3.19 -5.46
CA LEU A 166 17.65 2.01 -5.21
C LEU A 166 18.42 0.70 -5.12
N ASP A 167 19.52 0.58 -5.85
CA ASP A 167 20.20 -0.70 -6.01
C ASP A 167 20.63 -1.31 -4.68
N GLN A 168 21.13 -0.48 -3.76
CA GLN A 168 21.62 -0.96 -2.47
C GLN A 168 20.56 -1.69 -1.65
N TRP A 169 19.29 -1.38 -1.90
CA TRP A 169 18.18 -1.94 -1.13
C TRP A 169 17.61 -3.22 -1.74
N TRP A 170 18.05 -3.58 -2.94
CA TRP A 170 17.45 -4.65 -3.72
C TRP A 170 18.00 -6.01 -3.29
N PRO A 171 17.12 -6.94 -2.88
CA PRO A 171 17.62 -8.24 -2.42
C PRO A 171 17.93 -9.26 -3.51
N GLY A 172 17.55 -8.96 -4.76
CA GLY A 172 17.68 -9.91 -5.86
C GLY A 172 16.31 -10.37 -6.34
N SER A 173 16.20 -10.56 -7.65
CA SER A 173 14.93 -10.95 -8.26
C SER A 173 14.41 -12.31 -7.76
N GLU A 174 15.31 -13.18 -7.29
CA GLU A 174 14.94 -14.49 -6.74
C GLU A 174 14.03 -14.37 -5.51
N TYR A 175 14.07 -13.22 -4.84
CA TYR A 175 13.45 -13.09 -3.53
C TYR A 175 12.27 -12.14 -3.49
N VAL A 176 11.90 -11.54 -4.62
CA VAL A 176 10.89 -10.48 -4.67
C VAL A 176 9.83 -10.81 -5.71
N ASP A 177 8.55 -10.68 -5.37
CA ASP A 177 7.48 -10.91 -6.33
C ASP A 177 6.95 -9.64 -6.98
N TRP A 178 6.90 -8.55 -6.20
CA TRP A 178 6.46 -7.26 -6.72
C TRP A 178 7.41 -6.17 -6.27
N VAL A 179 7.56 -5.13 -7.10
CA VAL A 179 8.06 -3.85 -6.62
C VAL A 179 6.82 -3.01 -6.27
N GLY A 180 6.89 -2.31 -5.14
CA GLY A 180 5.84 -1.41 -4.73
C GLY A 180 6.34 0.02 -4.64
N LEU A 181 5.42 0.98 -4.66
CA LEU A 181 5.77 2.38 -4.47
C LEU A 181 4.65 3.10 -3.71
N SER A 182 4.97 4.33 -3.31
CA SER A 182 4.03 5.23 -2.67
C SER A 182 3.76 6.44 -3.56
N TYR A 183 2.48 6.67 -3.84
CA TYR A 183 2.02 7.72 -4.74
C TYR A 183 1.19 8.71 -3.93
N PHE A 184 1.83 9.79 -3.49
CA PHE A 184 1.21 10.80 -2.63
C PHE A 184 1.27 12.17 -3.29
N ALA A 185 2.47 12.76 -3.36
CA ALA A 185 2.66 14.07 -3.98
C ALA A 185 3.78 14.01 -5.03
N PRO A 186 3.67 13.09 -6.00
CA PRO A 186 4.76 12.90 -6.97
C PRO A 186 5.00 14.12 -7.85
N GLN A 187 3.96 14.96 -8.00
CA GLN A 187 4.07 16.19 -8.76
C GLN A 187 5.14 17.14 -8.20
N ASP A 188 5.48 17.00 -6.92
CA ASP A 188 6.46 17.88 -6.30
C ASP A 188 7.83 17.78 -6.96
N CYS A 189 8.12 16.65 -7.62
CA CYS A 189 9.34 16.52 -8.38
C CYS A 189 9.07 15.93 -9.77
N ASN A 190 7.97 16.39 -10.37
CA ASN A 190 7.61 16.06 -11.74
C ASN A 190 7.55 14.55 -11.99
N TRP A 191 7.04 13.82 -10.99
CA TRP A 191 6.88 12.36 -11.05
C TRP A 191 8.22 11.62 -11.13
N ASP A 192 9.33 12.28 -10.84
CA ASP A 192 10.63 11.64 -11.00
C ASP A 192 10.79 10.38 -10.13
N ARG A 193 10.36 10.44 -8.86
CA ARG A 193 10.60 9.29 -7.97
C ARG A 193 9.72 8.11 -8.29
N VAL A 194 8.45 8.36 -8.60
CA VAL A 194 7.57 7.26 -8.95
C VAL A 194 7.95 6.68 -10.32
N ASN A 195 8.38 7.54 -11.25
CA ASN A 195 8.87 7.05 -12.53
C ASN A 195 10.14 6.21 -12.37
N GLU A 196 11.05 6.64 -11.49
CA GLU A 196 12.25 5.86 -11.24
C GLU A 196 11.90 4.48 -10.67
N ALA A 197 10.94 4.43 -9.74
CA ALA A 197 10.54 3.15 -9.16
C ALA A 197 9.91 2.25 -10.23
N ALA A 198 9.06 2.83 -11.08
CA ALA A 198 8.45 2.08 -12.17
C ALA A 198 9.53 1.53 -13.13
N GLN A 199 10.49 2.38 -13.50
CA GLN A 199 11.56 1.95 -14.39
C GLN A 199 12.41 0.86 -13.75
N PHE A 200 12.60 0.92 -12.44
CA PHE A 200 13.37 -0.10 -11.74
C PHE A 200 12.63 -1.45 -11.81
N ALA A 201 11.34 -1.44 -11.46
CA ALA A 201 10.52 -2.64 -11.57
C ALA A 201 10.57 -3.23 -12.98
N ARG A 202 10.40 -2.35 -13.96
CA ARG A 202 10.44 -2.74 -15.36
C ARG A 202 11.77 -3.44 -15.71
N SER A 203 12.88 -2.83 -15.28
CA SER A 203 14.20 -3.37 -15.58
C SER A 203 14.40 -4.76 -14.98
N LYS A 204 13.81 -4.99 -13.80
CA LYS A 204 13.95 -6.27 -13.10
C LYS A 204 12.94 -7.31 -13.57
N GLY A 205 11.97 -6.92 -14.39
CA GLY A 205 10.93 -7.84 -14.80
C GLY A 205 9.93 -8.17 -13.71
N LYS A 206 9.63 -7.19 -12.85
CA LYS A 206 8.66 -7.38 -11.78
C LYS A 206 7.43 -6.52 -12.02
N PRO A 207 6.25 -7.00 -11.56
CA PRO A 207 5.07 -6.17 -11.60
C PRO A 207 5.19 -5.07 -10.56
N LEU A 208 4.43 -4.00 -10.78
CA LEU A 208 4.41 -2.84 -9.91
C LEU A 208 3.07 -2.75 -9.19
N PHE A 209 3.15 -2.50 -7.88
CA PHE A 209 1.99 -2.31 -7.01
C PHE A 209 2.10 -0.89 -6.44
N LEU A 210 1.06 -0.08 -6.60
CA LEU A 210 1.04 1.24 -5.95
C LEU A 210 0.46 1.04 -4.55
N ASN A 211 1.34 0.73 -3.59
CA ASN A 211 0.91 0.22 -2.29
C ASN A 211 0.33 1.26 -1.34
N GLU A 212 0.73 2.51 -1.53
CA GLU A 212 0.16 3.62 -0.76
C GLU A 212 -0.19 4.68 -1.77
N SER A 213 -1.44 5.12 -1.77
CA SER A 213 -1.85 6.19 -2.67
C SER A 213 -2.89 7.06 -1.99
N THR A 214 -2.75 8.37 -2.16
CA THR A 214 -3.77 9.29 -1.64
C THR A 214 -3.47 10.67 -2.22
N PRO A 215 -4.52 11.49 -2.42
CA PRO A 215 -4.36 12.89 -2.85
C PRO A 215 -3.83 13.73 -1.69
N GLN A 216 -2.56 13.54 -1.39
CA GLN A 216 -1.97 14.11 -0.20
C GLN A 216 -2.02 15.64 -0.29
N ARG A 217 -2.41 16.25 0.83
CA ARG A 217 -2.58 17.71 0.98
C ARG A 217 -3.89 18.23 0.41
N TYR A 218 -4.70 17.35 -0.17
CA TYR A 218 -6.05 17.71 -0.58
C TYR A 218 -7.05 17.26 0.48
N GLN A 219 -8.16 18.01 0.57
CA GLN A 219 -9.30 17.69 1.42
C GLN A 219 -10.51 17.52 0.52
N VAL A 220 -11.04 16.29 0.42
CA VAL A 220 -12.18 16.05 -0.47
C VAL A 220 -13.46 16.71 0.06
N ALA A 221 -13.81 16.53 1.31
CA ALA A 221 -15.04 17.15 1.83
C ALA A 221 -14.98 18.67 1.73
N ASP A 222 -13.86 19.26 2.17
CA ASP A 222 -13.71 20.72 2.17
C ASP A 222 -13.43 21.30 0.79
N LEU A 223 -12.96 20.46 -0.14
CA LEU A 223 -12.49 20.90 -1.46
C LEU A 223 -11.39 21.96 -1.33
N THR A 224 -10.28 21.58 -0.70
CA THR A 224 -9.11 22.44 -0.61
C THR A 224 -7.83 21.69 -0.92
N TYR A 225 -6.79 22.48 -1.19
CA TYR A 225 -5.44 22.01 -1.43
C TYR A 225 -4.48 22.92 -0.67
N SER A 226 -3.41 22.36 -0.11
CA SER A 226 -2.31 23.15 0.44
C SER A 226 -0.98 22.76 -0.18
N ALA A 227 -0.15 23.75 -0.46
CA ALA A 227 1.23 23.53 -0.91
C ALA A 227 2.19 23.22 0.25
N ASP A 228 1.70 23.30 1.49
CA ASP A 228 2.53 23.18 2.70
C ASP A 228 2.50 21.73 3.22
N PRO A 229 3.60 20.98 3.01
CA PRO A 229 3.58 19.57 3.41
C PRO A 229 3.68 19.37 4.93
N ALA A 230 4.12 20.39 5.66
CA ALA A 230 4.32 20.26 7.10
C ALA A 230 3.03 20.48 7.85
N LYS A 231 2.35 21.59 7.58
CA LYS A 231 1.20 21.98 8.40
C LYS A 231 -0.03 22.44 7.62
N GLY A 232 -0.06 22.26 6.30
CA GLY A 232 -1.28 22.47 5.55
C GLY A 232 -1.82 23.89 5.58
N THR A 233 -0.93 24.87 5.69
CA THR A 233 -1.37 26.27 5.73
C THR A 233 -1.71 26.80 4.34
N ASN A 234 -2.29 28.00 4.32
CA ASN A 234 -2.58 28.69 3.07
C ASN A 234 -3.42 27.84 2.12
N ARG A 235 -4.43 27.18 2.67
CA ARG A 235 -5.28 26.29 1.88
C ARG A 235 -6.01 27.07 0.81
N GLN A 236 -6.08 26.46 -0.38
CA GLN A 236 -6.66 27.04 -1.57
C GLN A 236 -7.92 26.28 -1.92
N SER A 237 -9.01 26.98 -2.18
CA SER A 237 -10.24 26.34 -2.62
C SER A 237 -10.04 25.73 -4.00
N LYS A 238 -10.65 24.56 -4.21
CA LYS A 238 -10.64 23.87 -5.50
C LYS A 238 -12.07 23.49 -5.83
N THR A 239 -12.40 23.43 -7.12
CA THR A 239 -13.65 22.80 -7.51
C THR A 239 -13.42 21.29 -7.46
N SER A 240 -14.50 20.53 -7.38
CA SER A 240 -14.37 19.09 -7.38
C SER A 240 -13.73 18.60 -8.67
N GLN A 241 -14.07 19.21 -9.81
CA GLN A 241 -13.44 18.82 -11.06
C GLN A 241 -11.93 19.09 -11.07
N GLN A 242 -11.52 20.21 -10.47
CA GLN A 242 -10.08 20.51 -10.33
C GLN A 242 -9.36 19.46 -9.50
N LEU A 243 -9.98 19.06 -8.39
CA LEU A 243 -9.39 18.04 -7.53
C LEU A 243 -9.23 16.73 -8.33
N TRP A 244 -10.27 16.36 -9.07
CA TRP A 244 -10.19 15.18 -9.92
C TRP A 244 -9.04 15.31 -10.93
N ASP A 245 -9.02 16.43 -11.65
CA ASP A 245 -8.05 16.61 -12.74
C ASP A 245 -6.62 16.76 -12.24
N GLU A 246 -6.43 17.33 -11.05
CA GLU A 246 -5.09 17.56 -10.54
C GLU A 246 -4.44 16.29 -9.99
N TRP A 247 -5.20 15.47 -9.25
CA TRP A 247 -4.61 14.29 -8.63
C TRP A 247 -5.11 12.95 -9.20
N PHE A 248 -6.43 12.79 -9.32
CA PHE A 248 -6.98 11.49 -9.72
C PHE A 248 -6.69 11.15 -11.18
N ALA A 249 -6.90 12.11 -12.08
CA ALA A 249 -6.66 11.81 -13.49
C ALA A 249 -5.20 11.42 -13.76
N PRO A 250 -4.20 12.18 -13.25
CA PRO A 250 -2.82 11.74 -13.46
C PRO A 250 -2.44 10.43 -12.76
N TYR A 251 -3.09 10.11 -11.64
CA TYR A 251 -2.89 8.83 -10.96
C TYR A 251 -3.29 7.66 -11.86
N PHE A 252 -4.49 7.72 -12.42
CA PHE A 252 -4.92 6.67 -13.33
C PHE A 252 -4.12 6.71 -14.64
N GLN A 253 -3.72 7.90 -15.08
CA GLN A 253 -2.87 8.00 -16.27
C GLN A 253 -1.50 7.36 -16.04
N PHE A 254 -0.96 7.49 -14.82
CA PHE A 254 0.30 6.85 -14.47
C PHE A 254 0.21 5.34 -14.66
N MET A 255 -0.92 4.76 -14.24
CA MET A 255 -1.11 3.31 -14.40
C MET A 255 -1.12 2.93 -15.87
N SER A 256 -1.81 3.73 -16.68
CA SER A 256 -1.86 3.50 -18.13
C SER A 256 -0.49 3.63 -18.78
N ASP A 257 0.24 4.68 -18.39
CA ASP A 257 1.59 4.93 -18.93
C ASP A 257 2.57 3.81 -18.56
N ASN A 258 2.24 3.07 -17.50
CA ASN A 258 3.05 1.96 -17.04
C ASN A 258 2.29 0.64 -17.11
N SER A 259 1.43 0.51 -18.13
CA SER A 259 0.53 -0.63 -18.20
C SER A 259 1.24 -1.95 -18.48
N ASP A 260 2.49 -1.90 -18.95
CA ASP A 260 3.27 -3.12 -19.09
C ASP A 260 3.53 -3.80 -17.75
N ILE A 261 3.63 -3.01 -16.67
CA ILE A 261 4.02 -3.53 -15.37
C ILE A 261 2.99 -3.37 -14.24
N VAL A 262 2.07 -2.40 -14.31
CA VAL A 262 1.19 -2.16 -13.16
C VAL A 262 0.15 -3.27 -13.06
N LYS A 263 0.11 -3.93 -11.91
CA LYS A 263 -0.84 -5.01 -11.68
C LYS A 263 -1.62 -4.86 -10.37
N GLY A 264 -1.44 -3.75 -9.65
CA GLY A 264 -2.23 -3.53 -8.44
C GLY A 264 -2.05 -2.14 -7.87
N PHE A 265 -3.05 -1.68 -7.14
CA PHE A 265 -2.92 -0.49 -6.32
C PHE A 265 -3.73 -0.62 -5.06
N THR A 266 -3.30 0.09 -4.03
CA THR A 266 -4.11 0.32 -2.83
C THR A 266 -4.36 1.81 -2.74
N TYR A 267 -5.64 2.18 -2.80
CA TYR A 267 -6.07 3.55 -2.60
C TYR A 267 -6.44 3.72 -1.12
N ILE A 268 -5.77 4.66 -0.44
CA ILE A 268 -6.06 4.94 0.96
C ILE A 268 -7.19 5.95 1.01
N ASN A 269 -8.34 5.51 1.51
CA ASN A 269 -9.58 6.28 1.48
C ASN A 269 -9.98 6.59 2.91
N ALA A 270 -9.59 7.76 3.40
CA ALA A 270 -9.69 8.03 4.84
C ALA A 270 -9.74 9.50 5.14
N ASP A 271 -10.40 9.86 6.23
CA ASP A 271 -10.28 11.21 6.76
C ASP A 271 -9.01 11.25 7.63
N TRP A 272 -7.87 11.41 6.97
CA TRP A 272 -6.58 11.42 7.67
C TRP A 272 -6.60 12.44 8.80
N ASP A 273 -7.24 13.58 8.52
CA ASP A 273 -7.26 14.72 9.40
C ASP A 273 -7.88 14.38 10.76
N SER A 274 -8.71 13.33 10.81
CA SER A 274 -9.40 12.89 12.02
C SER A 274 -8.61 11.85 12.83
N GLN A 275 -7.47 11.42 12.32
CA GLN A 275 -6.65 10.39 12.95
C GLN A 275 -5.48 11.08 13.64
N TRP A 276 -5.29 10.84 14.93
CA TRP A 276 -4.47 11.75 15.73
C TRP A 276 -3.02 11.92 15.25
N ARG A 277 -2.42 10.90 14.65
CA ARG A 277 -1.05 11.06 14.15
C ARG A 277 -0.98 12.09 13.01
N TRP A 278 -2.05 12.18 12.24
CA TRP A 278 -2.12 13.02 11.06
C TRP A 278 -2.95 14.29 11.28
N ALA A 279 -3.27 14.58 12.53
CA ALA A 279 -4.21 15.65 12.88
C ALA A 279 -3.50 16.93 13.30
N ALA A 280 -4.27 18.01 13.34
CA ALA A 280 -3.77 19.30 13.78
C ALA A 280 -3.11 19.17 15.15
N PRO A 281 -2.05 19.95 15.41
CA PRO A 281 -1.42 20.96 14.55
C PRO A 281 -0.36 20.40 13.60
N TYR A 282 -0.43 19.09 13.33
CA TYR A 282 0.35 18.44 12.26
C TYR A 282 1.81 18.31 12.63
N ASN A 283 2.07 17.45 13.61
CA ASN A 283 3.44 17.20 14.05
C ASN A 283 4.18 16.18 13.20
N GLU A 284 3.44 15.45 12.37
CA GLU A 284 4.01 14.43 11.48
C GLU A 284 3.46 14.58 10.06
N GLY A 285 3.38 15.83 9.61
CA GLY A 285 2.99 16.13 8.25
C GLY A 285 1.50 16.37 8.07
N TYR A 286 1.18 16.97 6.92
CA TYR A 286 -0.18 17.29 6.54
C TYR A 286 -0.66 16.31 5.46
N TRP A 287 -1.85 15.73 5.69
CA TRP A 287 -2.31 14.60 4.89
C TRP A 287 -3.63 14.89 4.18
N GLY A 288 -4.65 15.28 4.94
CA GLY A 288 -5.90 15.76 4.36
C GLY A 288 -7.07 14.82 4.56
N ASP A 289 -7.88 14.69 3.51
CA ASP A 289 -9.08 13.86 3.53
C ASP A 289 -9.22 13.28 2.14
N SER A 290 -9.09 11.96 2.03
CA SER A 290 -9.06 11.30 0.74
C SER A 290 -10.32 10.46 0.47
N ARG A 291 -11.37 10.67 1.26
CA ARG A 291 -12.59 9.86 1.10
C ARG A 291 -13.30 10.23 -0.20
N VAL A 292 -13.34 9.31 -1.17
CA VAL A 292 -13.98 9.63 -2.44
C VAL A 292 -15.48 9.88 -2.24
N GLN A 293 -16.07 9.24 -1.22
CA GLN A 293 -17.50 9.40 -0.94
C GLN A 293 -17.85 10.79 -0.38
N ALA A 294 -16.85 11.59 -0.01
CA ALA A 294 -17.10 12.90 0.58
C ALA A 294 -17.39 14.00 -0.45
N ASN A 295 -17.39 13.66 -1.74
CA ASN A 295 -17.83 14.58 -2.78
C ASN A 295 -18.51 13.80 -3.88
N ALA A 296 -19.66 14.26 -4.34
CA ALA A 296 -20.46 13.50 -5.30
C ALA A 296 -19.74 13.28 -6.63
N LEU A 297 -19.05 14.30 -7.13
CA LEU A 297 -18.33 14.20 -8.40
C LEU A 297 -17.12 13.28 -8.29
N ILE A 298 -16.37 13.41 -7.20
CA ILE A 298 -15.22 12.53 -6.98
C ILE A 298 -15.70 11.08 -6.87
N LYS A 299 -16.76 10.86 -6.11
CA LYS A 299 -17.30 9.52 -5.92
C LYS A 299 -17.72 8.91 -7.26
N SER A 300 -18.47 9.66 -8.05
CA SER A 300 -18.97 9.18 -9.34
C SER A 300 -17.82 8.89 -10.29
N ASN A 301 -16.85 9.81 -10.37
CA ASN A 301 -15.71 9.60 -11.25
C ASN A 301 -14.86 8.41 -10.83
N TRP A 302 -14.70 8.24 -9.52
CA TRP A 302 -13.98 7.09 -8.99
C TRP A 302 -14.65 5.79 -9.41
N GLN A 303 -15.95 5.69 -9.15
CA GLN A 303 -16.72 4.50 -9.49
C GLN A 303 -16.65 4.19 -10.98
N GLN A 304 -16.78 5.24 -11.80
CA GLN A 304 -16.75 5.08 -13.24
C GLN A 304 -15.39 4.58 -13.72
N GLU A 305 -14.31 5.09 -13.15
CA GLU A 305 -12.98 4.68 -13.57
C GLU A 305 -12.73 3.23 -13.19
N ILE A 306 -12.90 2.88 -11.93
CA ILE A 306 -12.48 1.55 -11.49
C ILE A 306 -13.41 0.43 -12.00
N ALA A 307 -14.58 0.79 -12.52
CA ALA A 307 -15.46 -0.19 -13.15
C ALA A 307 -14.93 -0.67 -14.51
N LYS A 308 -13.98 0.06 -15.09
CA LYS A 308 -13.48 -0.26 -16.42
C LYS A 308 -12.76 -1.60 -16.46
N GLY A 309 -12.66 -2.17 -17.67
CA GLY A 309 -12.27 -3.55 -17.84
C GLY A 309 -10.83 -3.93 -17.52
N GLN A 310 -9.93 -2.95 -17.43
CA GLN A 310 -8.54 -3.25 -17.05
C GLN A 310 -8.39 -3.50 -15.56
N TYR A 311 -9.42 -3.19 -14.77
CA TYR A 311 -9.35 -3.33 -13.32
C TYR A 311 -9.96 -4.64 -12.85
N ILE A 312 -9.32 -5.23 -11.84
CA ILE A 312 -9.79 -6.43 -11.19
C ILE A 312 -10.53 -6.03 -9.91
N ASN A 313 -11.86 -6.19 -9.95
CA ASN A 313 -12.71 -5.91 -8.81
C ASN A 313 -13.23 -7.21 -8.22
N HIS A 314 -14.05 -7.12 -7.18
CA HIS A 314 -14.51 -8.31 -6.49
C HIS A 314 -15.55 -9.07 -7.31
N SER A 315 -15.39 -10.39 -7.36
CA SER A 315 -16.37 -11.30 -7.93
C SER A 315 -16.03 -12.69 -7.43
N GLU A 316 -16.86 -13.67 -7.79
CA GLU A 316 -16.60 -15.06 -7.40
C GLU A 316 -15.33 -15.64 -8.03
N THR A 317 -14.85 -15.04 -9.12
CA THR A 317 -13.65 -15.53 -9.80
C THR A 317 -12.38 -14.77 -9.42
N LEU A 318 -12.46 -13.89 -8.41
CA LEU A 318 -11.32 -13.06 -8.03
C LEU A 318 -10.08 -13.87 -7.69
N PHE A 319 -10.21 -14.86 -6.81
CA PHE A 319 -9.04 -15.59 -6.34
C PHE A 319 -8.35 -16.31 -7.51
N GLU A 320 -9.15 -16.92 -8.39
CA GLU A 320 -8.63 -17.56 -9.60
C GLU A 320 -7.86 -16.57 -10.48
N THR A 321 -8.43 -15.39 -10.68
CA THR A 321 -7.78 -14.34 -11.46
C THR A 321 -6.44 -13.95 -10.85
N LEU A 322 -6.36 -13.94 -9.52
CA LEU A 322 -5.12 -13.62 -8.82
C LEU A 322 -4.17 -14.81 -8.64
N GLY A 323 -4.50 -15.95 -9.24
CA GLY A 323 -3.60 -17.11 -9.23
C GLY A 323 -3.74 -18.03 -8.03
N TYR A 324 -4.82 -17.85 -7.26
CA TYR A 324 -5.12 -18.68 -6.12
C TYR A 324 -6.21 -19.70 -6.48
C TYR A 324 -6.21 -19.70 -6.48
#